data_5N39
#
_entry.id   5N39
#
_cell.length_a   58.332
_cell.length_b   72.392
_cell.length_c   108.655
_cell.angle_alpha   90.00
_cell.angle_beta   90.00
_cell.angle_gamma   90.00
#
_symmetry.space_group_name_H-M   'P 21 21 21'
#
loop_
_entity.id
_entity.type
_entity.pdbx_description
1 polymer 'cAMP-dependent protein kinase catalytic subunit alpha'
2 polymer 'cAMP-dependent protein kinase inhibitor alpha-like protein'
3 non-polymer (2~{S})-2-(2,3-dihydro-1,4-benzodioxin-6-yl)pyrrolidin-1-ium
4 non-polymer (4S)-2-METHYL-2,4-PENTANEDIOL
5 non-polymer 'DIMETHYL SULFOXIDE'
6 water water
#
loop_
_entity_poly.entity_id
_entity_poly.type
_entity_poly.pdbx_seq_one_letter_code
_entity_poly.pdbx_strand_id
1 'polypeptide(L)'
;GHMGNAAAAKKG(SEP)EQESVKEFLAKAKEEFLKKWESPSQNTAQLDHFDRIKTLGTGSFGRVMLVKHKETGNHYAMKI
LDKQKVVKLKQIEHTLNEKRILQAVNFPFLVKLEFSFKDNSNLYMVMEYVPGGEMFSHLRRIGRF(SEP)EPHARFYAAQ
IVLTFEYLHSLDLIYRDLKPENLLIDQQGYIQVTDFGFAKRVKGRTW(TPO)LCGTPEYLAPEIILSKGYNKAVDWWALG
VLIYEMAAGYPPFFADQPIQIYEKIVSGKVRFPSHFSSDLKDLLRNLLQVDLTKRFGNLKNGVNDIKNHKWFATTDWIAI
YQRKVEAPFIPKFKGPGDTSNFDDYEEEEIRV(SEP)INEKCGKEFTEF
;
A
2 'polypeptide(L)' IAAGRTGRRQAIHDILVAA B
#
loop_
_chem_comp.id
_chem_comp.type
_chem_comp.name
_chem_comp.formula
8LZ non-polymer (2~{S})-2-(2,3-dihydro-1,4-benzodioxin-6-yl)pyrrolidin-1-ium 'C12 H16 N O2 1'
DMS non-polymer 'DIMETHYL SULFOXIDE' 'C2 H6 O S'
MPD non-polymer (4S)-2-METHYL-2,4-PENTANEDIOL 'C6 H14 O2'
#
# COMPACT_ATOMS: atom_id res chain seq x y z
N GLY A 1 5.04 31.88 -18.56
CA GLY A 1 5.25 30.50 -18.06
C GLY A 1 3.97 29.71 -18.23
N HIS A 2 3.95 28.48 -17.68
CA HIS A 2 2.74 27.67 -17.74
C HIS A 2 1.63 28.25 -16.86
N MET A 3 1.97 28.83 -15.71
CA MET A 3 0.99 29.40 -14.80
C MET A 3 1.07 30.91 -14.89
N GLY A 4 -0.09 31.56 -14.78
CA GLY A 4 -0.13 33.00 -14.57
C GLY A 4 0.21 33.35 -13.12
N ASN A 5 0.22 34.66 -12.87
CA ASN A 5 0.56 35.18 -11.53
C ASN A 5 -0.31 34.51 -10.45
N ALA A 6 -1.63 34.56 -10.63
CA ALA A 6 -2.53 34.10 -9.58
C ALA A 6 -2.35 32.60 -9.32
N ALA A 7 -2.22 31.83 -10.40
CA ALA A 7 -2.09 30.39 -10.26
C ALA A 7 -0.79 30.05 -9.55
N ALA A 8 0.29 30.75 -9.91
CA ALA A 8 1.58 30.41 -9.34
C ALA A 8 1.61 30.72 -7.85
N ALA A 9 1.02 31.85 -7.44
CA ALA A 9 0.96 32.16 -6.01
C ALA A 9 0.07 31.19 -5.25
N LYS A 10 -1.06 30.78 -5.83
CA LYS A 10 -1.92 29.81 -5.18
C LYS A 10 -1.16 28.51 -4.99
N LYS A 11 -0.39 28.09 -6.00
CA LYS A 11 0.31 26.80 -5.89
C LYS A 11 1.43 26.87 -4.87
N GLY A 12 2.16 27.97 -4.80
CA GLY A 12 3.18 28.08 -3.79
C GLY A 12 2.61 28.07 -2.38
N SEP A 13 1.56 28.86 -2.17
CA SEP A 13 0.94 28.89 -0.82
CB SEP A 13 -0.20 29.89 -0.78
OG SEP A 13 -0.97 29.69 0.38
C SEP A 13 0.49 27.48 -0.47
O SEP A 13 0.66 27.04 0.68
P SEP A 13 -1.71 30.93 1.01
O1P SEP A 13 -2.54 30.38 2.19
O2P SEP A 13 -0.61 31.97 1.51
O3P SEP A 13 -2.53 31.71 -0.06
H SEP A 13 1.18 29.36 -2.76
HA SEP A 13 1.61 29.17 -0.17
HB2 SEP A 13 -0.76 29.77 -1.56
HB3 SEP A 13 0.17 30.78 -0.77
N GLU A 14 -0.07 26.75 -1.45
CA GLU A 14 -0.48 25.35 -1.25
C GLU A 14 0.67 24.48 -0.79
N GLN A 15 1.82 24.68 -1.44
N GLN A 15 1.83 24.68 -1.42
CA GLN A 15 2.98 23.88 -1.11
CA GLN A 15 3.00 23.86 -1.08
C GLN A 15 3.53 24.22 0.28
C GLN A 15 3.58 24.24 0.28
N GLU A 16 3.46 25.50 0.69
CA GLU A 16 3.86 25.85 2.06
C GLU A 16 2.91 25.22 3.08
N SER A 17 1.62 25.24 2.78
CA SER A 17 0.66 24.58 3.65
C SER A 17 0.93 23.09 3.78
N VAL A 18 1.39 22.45 2.70
CA VAL A 18 1.73 21.02 2.82
C VAL A 18 2.87 20.85 3.83
N LYS A 19 3.89 21.69 3.75
CA LYS A 19 4.99 21.62 4.70
C LYS A 19 4.51 21.77 6.14
N GLU A 20 3.60 22.71 6.38
CA GLU A 20 3.06 22.92 7.71
C GLU A 20 2.30 21.68 8.19
N PHE A 21 1.49 21.10 7.31
CA PHE A 21 0.79 19.88 7.65
C PHE A 21 1.77 18.75 7.99
N LEU A 22 2.79 18.57 7.17
CA LEU A 22 3.67 17.43 7.40
C LEU A 22 4.48 17.60 8.67
N ALA A 23 4.80 18.85 9.02
CA ALA A 23 5.54 19.06 10.23
C ALA A 23 4.69 18.65 11.44
N LYS A 24 3.41 19.02 11.43
CA LYS A 24 2.54 18.62 12.54
C LYS A 24 2.33 17.10 12.54
N ALA A 25 2.19 16.51 11.37
CA ALA A 25 2.01 15.07 11.28
C ALA A 25 3.22 14.31 11.80
N LYS A 26 4.42 14.83 11.59
N LYS A 26 4.43 14.85 11.61
CA LYS A 26 5.61 14.18 12.13
CA LYS A 26 5.62 14.16 12.13
C LYS A 26 5.60 14.24 13.65
C LYS A 26 5.68 14.27 13.65
N GLU A 27 5.23 15.39 14.21
CA GLU A 27 5.21 15.51 15.65
C GLU A 27 4.22 14.49 16.23
N GLU A 28 3.07 14.34 15.59
CA GLU A 28 2.07 13.41 16.10
C GLU A 28 2.55 11.96 15.96
N PHE A 29 3.15 11.63 14.83
CA PHE A 29 3.68 10.29 14.60
C PHE A 29 4.74 9.93 15.61
N LEU A 30 5.69 10.84 15.86
CA LEU A 30 6.78 10.49 16.75
C LEU A 30 6.29 10.22 18.15
N LYS A 31 5.30 10.97 18.61
CA LYS A 31 4.74 10.69 19.93
C LYS A 31 4.29 9.24 20.02
N LYS A 32 3.57 8.77 19.01
CA LYS A 32 3.10 7.39 19.03
C LYS A 32 4.22 6.39 18.76
N TRP A 33 5.22 6.76 17.97
CA TRP A 33 6.27 5.81 17.58
C TRP A 33 7.17 5.47 18.73
N GLU A 34 7.36 6.44 19.64
CA GLU A 34 8.16 6.24 20.82
C GLU A 34 7.37 5.59 21.95
N SER A 35 6.04 5.49 21.85
CA SER A 35 5.19 4.91 22.90
C SER A 35 4.18 3.93 22.32
N PRO A 36 4.64 2.77 21.83
CA PRO A 36 3.70 1.92 21.10
C PRO A 36 2.73 1.16 22.00
N ASN A 39 -1.19 -5.47 23.33
CA ASN A 39 -2.02 -6.43 24.09
C ASN A 39 -3.37 -5.84 24.47
N THR A 40 -4.02 -5.20 23.50
CA THR A 40 -5.27 -4.48 23.70
C THR A 40 -6.51 -5.37 23.55
N ALA A 41 -6.36 -6.70 23.37
CA ALA A 41 -7.52 -7.60 23.30
C ALA A 41 -7.04 -9.06 23.39
N GLN A 42 -7.96 -10.00 23.23
CA GLN A 42 -7.58 -11.41 23.17
C GLN A 42 -8.52 -12.15 22.23
N LEU A 43 -8.11 -13.36 21.85
CA LEU A 43 -8.76 -14.06 20.74
C LEU A 43 -10.21 -14.36 21.04
N ASP A 44 -10.50 -14.79 22.27
CA ASP A 44 -11.88 -15.19 22.54
C ASP A 44 -12.83 -14.01 22.69
N HIS A 45 -12.38 -12.79 22.46
CA HIS A 45 -13.27 -11.63 22.36
C HIS A 45 -13.95 -11.53 21.01
N PHE A 46 -13.61 -12.39 20.06
CA PHE A 46 -14.12 -12.26 18.70
C PHE A 46 -14.69 -13.58 18.22
N ASP A 47 -15.75 -13.50 17.42
CA ASP A 47 -16.21 -14.62 16.60
C ASP A 47 -15.58 -14.55 15.22
N ARG A 48 -15.06 -15.66 14.74
CA ARG A 48 -14.47 -15.68 13.40
C ARG A 48 -15.53 -16.03 12.38
N ILE A 49 -15.60 -15.23 11.31
CA ILE A 49 -16.69 -15.31 10.36
C ILE A 49 -16.23 -15.93 9.05
N LYS A 50 -15.20 -15.36 8.41
CA LYS A 50 -14.86 -15.76 7.05
C LYS A 50 -13.44 -15.30 6.77
N THR A 51 -12.72 -16.06 5.95
CA THR A 51 -11.41 -15.65 5.49
C THR A 51 -11.54 -14.68 4.31
N LEU A 52 -10.89 -13.53 4.44
CA LEU A 52 -10.97 -12.48 3.42
C LEU A 52 -9.78 -12.45 2.47
N GLY A 53 -8.70 -13.09 2.84
CA GLY A 53 -7.47 -13.12 2.05
C GLY A 53 -6.46 -14.00 2.76
N THR A 54 -5.53 -14.52 1.98
CA THR A 54 -4.54 -15.47 2.49
C THR A 54 -3.19 -15.25 1.82
N GLY A 55 -2.12 -15.29 2.61
CA GLY A 55 -0.76 -15.14 2.12
C GLY A 55 0.17 -16.21 2.67
N SER A 56 1.47 -15.98 2.59
CA SER A 56 2.41 -17.05 2.92
C SER A 56 2.43 -17.33 4.42
N PHE A 57 2.50 -16.29 5.24
CA PHE A 57 2.63 -16.43 6.69
C PHE A 57 1.29 -16.47 7.42
N GLY A 58 0.17 -16.23 6.73
CA GLY A 58 -1.11 -16.19 7.41
C GLY A 58 -2.34 -15.80 6.61
N ARG A 59 -3.30 -15.15 7.27
N ARG A 59 -3.28 -15.12 7.26
CA ARG A 59 -4.60 -14.94 6.66
CA ARG A 59 -4.55 -14.86 6.61
C ARG A 59 -5.27 -13.76 7.36
C ARG A 59 -5.18 -13.66 7.29
N VAL A 60 -6.18 -13.11 6.63
CA VAL A 60 -7.00 -12.05 7.19
C VAL A 60 -8.43 -12.59 7.25
N MET A 61 -9.05 -12.46 8.41
CA MET A 61 -10.39 -12.96 8.58
C MET A 61 -11.33 -11.82 8.97
N LEU A 62 -12.55 -11.88 8.47
CA LEU A 62 -13.61 -11.07 9.06
C LEU A 62 -13.93 -11.66 10.42
N VAL A 63 -13.94 -10.80 11.46
CA VAL A 63 -14.31 -11.21 12.80
C VAL A 63 -15.36 -10.26 13.33
N LYS A 64 -16.12 -10.73 14.34
CA LYS A 64 -17.11 -9.90 15.00
C LYS A 64 -16.77 -9.87 16.49
N HIS A 65 -16.61 -8.67 17.02
CA HIS A 65 -16.36 -8.49 18.44
C HIS A 65 -17.60 -8.86 19.22
N LYS A 66 -17.42 -9.76 20.20
CA LYS A 66 -18.58 -10.33 20.88
C LYS A 66 -19.34 -9.26 21.66
N GLU A 67 -18.63 -8.41 22.40
CA GLU A 67 -19.33 -7.47 23.29
C GLU A 67 -20.04 -6.39 22.49
N THR A 68 -19.35 -5.76 21.52
CA THR A 68 -19.89 -4.59 20.82
C THR A 68 -20.63 -4.94 19.54
N GLY A 69 -20.37 -6.11 18.97
CA GLY A 69 -20.90 -6.50 17.69
C GLY A 69 -20.22 -5.87 16.51
N ASN A 70 -19.18 -5.09 16.74
CA ASN A 70 -18.48 -4.45 15.63
C ASN A 70 -17.72 -5.48 14.84
N HIS A 71 -17.66 -5.28 13.53
CA HIS A 71 -16.88 -6.14 12.67
C HIS A 71 -15.51 -5.55 12.43
N TYR A 72 -14.52 -6.42 12.28
CA TYR A 72 -13.13 -6.04 12.08
C TYR A 72 -12.50 -7.05 11.13
N ALA A 73 -11.38 -6.64 10.54
CA ALA A 73 -10.50 -7.52 9.79
C ALA A 73 -9.31 -7.89 10.67
N MET A 74 -9.13 -9.16 10.92
CA MET A 74 -8.08 -9.68 11.79
C MET A 74 -7.01 -10.41 10.99
N LYS A 75 -5.79 -9.87 11.00
CA LYS A 75 -4.64 -10.53 10.38
C LYS A 75 -4.02 -11.46 11.40
N ILE A 76 -3.89 -12.74 11.04
CA ILE A 76 -3.33 -13.80 11.90
C ILE A 76 -2.03 -14.23 11.26
N LEU A 77 -0.93 -14.14 11.99
CA LEU A 77 0.35 -14.66 11.54
C LEU A 77 0.79 -15.83 12.41
N ASP A 78 1.13 -16.93 11.76
CA ASP A 78 1.61 -18.12 12.49
C ASP A 78 3.05 -17.88 12.90
N LYS A 79 3.29 -17.83 14.21
CA LYS A 79 4.61 -17.41 14.70
C LYS A 79 5.70 -18.30 14.13
N GLN A 80 5.43 -19.60 14.04
CA GLN A 80 6.45 -20.49 13.51
C GLN A 80 6.69 -20.22 12.03
N LYS A 81 5.61 -19.99 11.26
CA LYS A 81 5.79 -19.73 9.84
C LYS A 81 6.59 -18.45 9.63
N VAL A 82 6.55 -17.52 10.59
CA VAL A 82 7.43 -16.36 10.53
C VAL A 82 8.77 -16.90 10.96
N VAL A 83 9.43 -17.65 10.07
CA VAL A 83 10.66 -18.38 10.39
C VAL A 83 11.90 -17.63 9.93
N LYS A 84 11.86 -17.06 8.72
CA LYS A 84 13.02 -16.40 8.11
C LYS A 84 13.32 -15.11 8.84
N LEU A 85 14.62 -14.73 8.88
CA LEU A 85 15.01 -13.55 9.67
C LEU A 85 14.21 -12.32 9.24
N LYS A 86 14.26 -11.98 7.96
N LYS A 86 14.26 -11.98 7.96
CA LYS A 86 13.62 -10.75 7.55
CA LYS A 86 13.60 -10.75 7.54
C LYS A 86 12.11 -10.83 7.77
C LYS A 86 12.10 -10.82 7.74
N GLN A 87 11.52 -12.03 7.74
CA GLN A 87 10.10 -12.19 8.09
C GLN A 87 9.80 -11.68 9.52
N ILE A 88 10.64 -12.02 10.52
CA ILE A 88 10.40 -11.57 11.91
C ILE A 88 10.42 -10.03 12.04
N GLU A 89 11.53 -9.40 11.61
CA GLU A 89 11.71 -7.95 11.72
C GLU A 89 10.59 -7.22 11.01
N HIS A 90 10.19 -7.77 9.85
CA HIS A 90 9.10 -7.19 9.07
C HIS A 90 7.78 -7.16 9.85
N THR A 91 7.48 -8.23 10.61
N THR A 91 7.50 -8.21 10.62
CA THR A 91 6.25 -8.23 11.40
CA THR A 91 6.26 -8.26 11.38
C THR A 91 6.28 -7.17 12.48
C THR A 91 6.28 -7.23 12.51
N LEU A 92 7.44 -6.99 13.12
CA LEU A 92 7.54 -5.92 14.10
C LEU A 92 7.41 -4.54 13.47
N ASN A 93 8.00 -4.32 12.28
CA ASN A 93 7.83 -3.05 11.58
C ASN A 93 6.34 -2.79 11.37
N GLU A 94 5.63 -3.82 10.90
CA GLU A 94 4.25 -3.64 10.47
C GLU A 94 3.40 -3.14 11.62
N LYS A 95 3.51 -3.79 12.79
CA LYS A 95 2.69 -3.43 13.93
C LYS A 95 3.05 -2.04 14.43
N ARG A 96 4.33 -1.77 14.57
CA ARG A 96 4.75 -0.48 15.12
C ARG A 96 4.34 0.68 14.23
N ILE A 97 4.47 0.52 12.91
CA ILE A 97 4.08 1.56 11.98
C ILE A 97 2.59 1.76 12.01
N LEU A 98 1.82 0.68 11.95
CA LEU A 98 0.37 0.85 11.89
C LEU A 98 -0.18 1.49 13.15
N GLN A 99 0.40 1.21 14.31
CA GLN A 99 -0.08 1.85 15.52
C GLN A 99 0.22 3.35 15.55
N ALA A 100 1.20 3.82 14.80
CA ALA A 100 1.67 5.19 14.91
C ALA A 100 1.17 6.14 13.82
N VAL A 101 0.75 5.63 12.65
CA VAL A 101 0.36 6.51 11.54
C VAL A 101 -1.11 6.88 11.67
N ASN A 102 -1.48 7.94 10.94
CA ASN A 102 -2.84 8.47 10.92
C ASN A 102 -2.98 9.26 9.62
N PHE A 103 -3.74 8.71 8.68
CA PHE A 103 -3.95 9.37 7.41
C PHE A 103 -5.25 8.83 6.82
N PRO A 104 -5.98 9.61 6.01
CA PRO A 104 -7.34 9.17 5.63
C PRO A 104 -7.36 7.95 4.76
N PHE A 105 -6.25 7.61 4.10
CA PHE A 105 -6.18 6.49 3.16
C PHE A 105 -5.37 5.34 3.70
N LEU A 106 -5.08 5.31 4.99
CA LEU A 106 -4.34 4.21 5.61
C LEU A 106 -5.28 3.51 6.58
N VAL A 107 -5.29 2.18 6.52
CA VAL A 107 -6.21 1.43 7.37
C VAL A 107 -5.84 1.65 8.83
N LYS A 108 -6.85 1.68 9.68
CA LYS A 108 -6.69 1.92 11.10
C LYS A 108 -6.61 0.62 11.90
N LEU A 109 -5.57 0.51 12.70
CA LEU A 109 -5.37 -0.62 13.60
C LEU A 109 -6.13 -0.32 14.88
N GLU A 110 -6.88 -1.30 15.36
CA GLU A 110 -7.69 -1.18 16.56
C GLU A 110 -7.15 -1.99 17.73
N PHE A 111 -6.71 -3.22 17.50
CA PHE A 111 -6.11 -4.01 18.57
C PHE A 111 -4.95 -4.83 18.03
N SER A 112 -4.04 -5.23 18.92
CA SER A 112 -3.06 -6.25 18.57
C SER A 112 -2.78 -7.08 19.81
N PHE A 113 -2.47 -8.36 19.60
CA PHE A 113 -2.19 -9.29 20.68
C PHE A 113 -1.49 -10.53 20.12
N LYS A 114 -1.06 -11.43 21.03
CA LYS A 114 -0.37 -12.63 20.58
C LYS A 114 -0.74 -13.74 21.54
N ASP A 115 -0.60 -14.98 21.10
CA ASP A 115 -0.80 -16.12 22.00
C ASP A 115 0.36 -17.10 21.78
N ASN A 116 0.16 -18.36 22.20
CA ASN A 116 1.22 -19.34 22.08
C ASN A 116 1.62 -19.58 20.63
N SER A 117 0.69 -19.45 19.69
CA SER A 117 0.95 -19.85 18.31
C SER A 117 1.00 -18.71 17.32
N ASN A 118 0.24 -17.63 17.54
CA ASN A 118 0.01 -16.63 16.51
C ASN A 118 0.23 -15.22 17.01
N LEU A 119 0.41 -14.30 16.05
CA LEU A 119 0.31 -12.87 16.28
C LEU A 119 -0.97 -12.40 15.60
N TYR A 120 -1.59 -11.39 16.19
CA TYR A 120 -2.88 -10.90 15.69
C TYR A 120 -2.85 -9.37 15.60
N MET A 121 -3.37 -8.82 14.50
CA MET A 121 -3.59 -7.38 14.35
C MET A 121 -5.02 -7.21 13.85
N VAL A 122 -5.81 -6.44 14.58
CA VAL A 122 -7.24 -6.29 14.33
C VAL A 122 -7.42 -4.88 13.81
N MET A 123 -7.97 -4.77 12.60
N MET A 123 -7.88 -4.77 12.55
CA MET A 123 -8.07 -3.52 11.88
CA MET A 123 -8.02 -3.51 11.83
C MET A 123 -9.50 -3.26 11.47
C MET A 123 -9.49 -3.24 11.52
N GLU A 124 -9.77 -2.01 11.09
CA GLU A 124 -11.07 -1.66 10.54
C GLU A 124 -11.38 -2.56 9.35
N TYR A 125 -12.62 -3.06 9.31
CA TYR A 125 -13.11 -3.81 8.18
C TYR A 125 -13.60 -2.85 7.10
N VAL A 126 -13.10 -3.05 5.88
CA VAL A 126 -13.41 -2.21 4.73
C VAL A 126 -14.19 -3.09 3.76
N PRO A 127 -15.52 -2.97 3.69
CA PRO A 127 -16.30 -4.02 3.01
C PRO A 127 -16.36 -3.91 1.51
N GLY A 128 -15.80 -2.87 0.91
CA GLY A 128 -15.94 -2.72 -0.54
C GLY A 128 -15.03 -3.61 -1.38
N GLY A 129 -14.12 -4.36 -0.75
CA GLY A 129 -13.29 -5.27 -1.49
C GLY A 129 -12.00 -4.63 -2.02
N GLU A 130 -11.13 -5.51 -2.54
CA GLU A 130 -9.84 -5.10 -3.09
C GLU A 130 -10.02 -4.43 -4.46
N MET A 131 -9.23 -3.39 -4.69
CA MET A 131 -9.15 -2.83 -6.04
C MET A 131 -8.88 -3.94 -7.06
N PHE A 132 -8.03 -4.90 -6.68
CA PHE A 132 -7.67 -6.01 -7.56
C PHE A 132 -8.88 -6.66 -8.21
N SER A 133 -9.88 -7.06 -7.44
N SER A 133 -9.85 -7.09 -7.40
CA SER A 133 -10.95 -7.82 -8.07
CA SER A 133 -11.05 -7.76 -7.91
C SER A 133 -11.86 -6.92 -8.90
C SER A 133 -11.76 -6.88 -8.91
N HIS A 134 -12.07 -5.67 -8.48
CA HIS A 134 -12.84 -4.73 -9.32
C HIS A 134 -12.13 -4.51 -10.66
N LEU A 135 -10.79 -4.34 -10.62
CA LEU A 135 -10.02 -4.11 -11.83
C LEU A 135 -10.04 -5.32 -12.74
N ARG A 136 -9.84 -6.51 -12.19
CA ARG A 136 -9.88 -7.71 -13.02
C ARG A 136 -11.26 -7.96 -13.63
N ARG A 137 -12.32 -7.58 -12.91
CA ARG A 137 -13.68 -7.80 -13.37
C ARG A 137 -14.02 -6.86 -14.53
N ILE A 138 -13.65 -5.57 -14.39
CA ILE A 138 -13.99 -4.56 -15.42
C ILE A 138 -12.98 -4.54 -16.56
N GLY A 139 -11.76 -5.00 -16.33
CA GLY A 139 -10.69 -4.98 -17.31
C GLY A 139 -9.69 -3.88 -17.02
N ARG A 140 -10.09 -2.64 -17.26
CA ARG A 140 -9.24 -1.51 -16.96
C ARG A 140 -10.13 -0.35 -16.51
N PHE A 141 -9.51 0.61 -15.81
CA PHE A 141 -10.17 1.84 -15.44
C PHE A 141 -9.85 2.91 -16.47
N SEP A 142 -10.81 3.80 -16.71
CA SEP A 142 -10.56 4.94 -17.57
CB SEP A 142 -11.85 5.69 -17.82
OG SEP A 142 -12.21 6.41 -16.65
C SEP A 142 -9.53 5.86 -16.90
O SEP A 142 -9.30 5.79 -15.71
P SEP A 142 -13.73 6.97 -16.65
O1P SEP A 142 -14.70 5.70 -16.37
O2P SEP A 142 -13.75 7.99 -15.42
O3P SEP A 142 -14.04 7.77 -17.98
H SEP A 142 -11.61 3.77 -16.39
HA SEP A 142 -10.20 4.63 -18.43
HB2 SEP A 142 -12.55 5.06 -18.03
HB3 SEP A 142 -11.72 6.31 -18.55
N GLU A 143 -8.91 6.78 -17.66
CA GLU A 143 -7.87 7.59 -17.06
C GLU A 143 -8.38 8.44 -15.88
N PRO A 144 -9.57 9.07 -15.97
CA PRO A 144 -10.03 9.84 -14.79
C PRO A 144 -10.22 8.98 -13.56
N HIS A 145 -10.66 7.74 -13.73
CA HIS A 145 -10.91 6.84 -12.62
C HIS A 145 -9.56 6.41 -12.01
N ALA A 146 -8.62 6.02 -12.87
CA ALA A 146 -7.29 5.69 -12.40
C ALA A 146 -6.63 6.86 -11.70
N ARG A 147 -6.86 8.07 -12.23
N ARG A 147 -6.85 8.07 -12.22
CA ARG A 147 -6.25 9.26 -11.68
CA ARG A 147 -6.20 9.24 -11.64
C ARG A 147 -6.75 9.53 -10.26
C ARG A 147 -6.74 9.55 -10.24
N PHE A 148 -8.03 9.32 -10.03
CA PHE A 148 -8.60 9.53 -8.70
C PHE A 148 -7.93 8.63 -7.68
N TYR A 149 -7.73 7.33 -8.01
CA TYR A 149 -7.03 6.44 -7.08
C TYR A 149 -5.55 6.82 -6.96
N ALA A 150 -4.90 7.14 -8.10
CA ALA A 150 -3.49 7.48 -8.07
C ALA A 150 -3.23 8.67 -7.17
N ALA A 151 -4.13 9.66 -7.20
CA ALA A 151 -3.93 10.87 -6.39
C ALA A 151 -3.88 10.53 -4.91
N GLN A 152 -4.70 9.57 -4.50
CA GLN A 152 -4.70 9.16 -3.10
C GLN A 152 -3.40 8.49 -2.74
N ILE A 153 -2.84 7.67 -3.65
CA ILE A 153 -1.56 7.06 -3.37
C ILE A 153 -0.45 8.10 -3.30
N VAL A 154 -0.46 9.10 -4.20
CA VAL A 154 0.56 10.15 -4.15
C VAL A 154 0.54 10.84 -2.80
N LEU A 155 -0.66 11.22 -2.32
CA LEU A 155 -0.74 11.90 -1.02
C LEU A 155 -0.31 10.97 0.13
N THR A 156 -0.65 9.69 0.04
CA THR A 156 -0.28 8.75 1.08
C THR A 156 1.24 8.55 1.15
N PHE A 157 1.87 8.43 -0.02
CA PHE A 157 3.32 8.32 -0.05
C PHE A 157 3.98 9.62 0.39
N GLU A 158 3.41 10.77 0.00
CA GLU A 158 4.00 12.01 0.50
C GLU A 158 3.99 12.03 2.04
N TYR A 159 2.89 11.58 2.63
CA TYR A 159 2.78 11.46 4.07
C TYR A 159 3.81 10.46 4.63
N LEU A 160 3.77 9.21 4.14
CA LEU A 160 4.67 8.20 4.66
C LEU A 160 6.13 8.62 4.53
N HIS A 161 6.52 9.08 3.34
CA HIS A 161 7.93 9.39 3.12
C HIS A 161 8.41 10.55 4.00
N SER A 162 7.50 11.48 4.35
CA SER A 162 7.86 12.59 5.23
C SER A 162 8.22 12.10 6.62
N LEU A 163 7.70 10.92 7.00
CA LEU A 163 7.99 10.26 8.26
C LEU A 163 9.15 9.29 8.15
N ASP A 164 9.85 9.31 7.01
CA ASP A 164 10.93 8.36 6.69
C ASP A 164 10.44 6.93 6.64
N LEU A 165 9.19 6.72 6.23
CA LEU A 165 8.66 5.38 6.04
C LEU A 165 8.57 5.05 4.56
N ILE A 166 9.10 3.89 4.18
N ILE A 166 9.05 3.87 4.17
CA ILE A 166 8.92 3.34 2.85
CA ILE A 166 8.88 3.37 2.82
C ILE A 166 7.84 2.27 2.93
C ILE A 166 7.90 2.21 2.87
N TYR A 167 7.01 2.14 1.89
CA TYR A 167 5.87 1.21 1.93
C TYR A 167 6.22 -0.17 1.37
N ARG A 168 6.76 -0.22 0.16
CA ARG A 168 7.42 -1.39 -0.42
C ARG A 168 6.48 -2.52 -0.84
N ASP A 169 5.17 -2.32 -0.89
CA ASP A 169 4.33 -3.38 -1.45
C ASP A 169 3.08 -2.82 -2.13
N LEU A 170 3.23 -1.73 -2.88
CA LEU A 170 2.09 -1.20 -3.60
C LEU A 170 1.63 -2.20 -4.68
N LYS A 171 0.35 -2.47 -4.74
CA LYS A 171 -0.30 -3.27 -5.75
C LYS A 171 -1.81 -3.25 -5.51
N PRO A 172 -2.63 -3.56 -6.52
CA PRO A 172 -4.08 -3.50 -6.33
C PRO A 172 -4.61 -4.43 -5.25
N GLU A 173 -3.91 -5.54 -4.99
CA GLU A 173 -4.32 -6.48 -3.95
C GLU A 173 -4.34 -5.83 -2.58
N ASN A 174 -3.52 -4.83 -2.36
CA ASN A 174 -3.33 -4.18 -1.06
C ASN A 174 -4.13 -2.90 -0.90
N LEU A 175 -5.03 -2.60 -1.84
CA LEU A 175 -5.80 -1.37 -1.83
C LEU A 175 -7.27 -1.73 -1.74
N LEU A 176 -7.92 -1.38 -0.63
CA LEU A 176 -9.34 -1.65 -0.46
C LEU A 176 -10.15 -0.41 -0.79
N ILE A 177 -11.38 -0.63 -1.26
CA ILE A 177 -12.28 0.47 -1.59
C ILE A 177 -13.30 0.59 -0.46
N ASP A 178 -13.38 1.76 0.14
CA ASP A 178 -14.26 1.99 1.27
C ASP A 178 -15.66 2.40 0.82
N GLN A 179 -16.53 2.67 1.80
CA GLN A 179 -17.95 2.91 1.49
C GLN A 179 -18.18 4.21 0.73
N GLN A 180 -17.23 5.13 0.70
CA GLN A 180 -17.33 6.35 -0.12
C GLN A 180 -16.56 6.23 -1.44
N GLY A 181 -15.99 5.07 -1.73
CA GLY A 181 -15.26 4.87 -2.97
C GLY A 181 -13.82 5.32 -2.91
N TYR A 182 -13.31 5.61 -1.72
CA TYR A 182 -11.92 6.00 -1.55
C TYR A 182 -11.08 4.78 -1.18
N ILE A 183 -9.78 4.93 -1.27
CA ILE A 183 -8.84 3.86 -1.02
C ILE A 183 -8.45 3.79 0.45
N GLN A 184 -8.26 2.57 0.91
CA GLN A 184 -7.58 2.25 2.14
C GLN A 184 -6.40 1.33 1.84
N VAL A 185 -5.20 1.79 2.13
CA VAL A 185 -4.00 0.97 1.98
C VAL A 185 -3.91 0.04 3.18
N THR A 186 -3.72 -1.23 2.90
N THR A 186 -3.74 -1.23 2.90
CA THR A 186 -3.50 -2.20 3.95
CA THR A 186 -3.56 -2.27 3.90
C THR A 186 -2.22 -2.98 3.65
C THR A 186 -2.16 -2.87 3.73
N ASP A 187 -1.86 -3.79 4.59
CA ASP A 187 -0.70 -4.59 4.48
C ASP A 187 0.61 -3.86 4.55
N PHE A 188 0.97 -3.54 5.78
CA PHE A 188 2.22 -2.87 6.04
C PHE A 188 3.34 -3.84 6.35
N GLY A 189 3.22 -5.09 5.89
CA GLY A 189 4.21 -6.09 6.20
C GLY A 189 5.61 -5.78 5.72
N PHE A 190 5.79 -4.95 4.69
N PHE A 190 5.75 -4.96 4.68
CA PHE A 190 7.14 -4.60 4.27
CA PHE A 190 7.03 -4.61 4.11
C PHE A 190 7.51 -3.17 4.57
C PHE A 190 7.41 -3.15 4.38
N ALA A 191 6.60 -2.42 5.16
CA ALA A 191 6.90 -1.02 5.45
C ALA A 191 8.01 -0.92 6.47
N LYS A 192 8.82 0.14 6.35
CA LYS A 192 10.00 0.27 7.19
C LYS A 192 10.37 1.73 7.37
N ARG A 193 10.86 2.07 8.54
CA ARG A 193 11.47 3.39 8.72
C ARG A 193 12.93 3.33 8.28
N VAL A 194 13.28 4.17 7.31
CA VAL A 194 14.56 4.15 6.61
C VAL A 194 15.00 5.60 6.50
N LYS A 195 16.10 5.96 7.16
CA LYS A 195 16.53 7.36 7.05
C LYS A 195 17.26 7.66 5.75
N GLY A 196 17.85 6.67 5.16
CA GLY A 196 18.53 6.84 3.89
C GLY A 196 18.32 5.65 2.97
N ARG A 197 19.23 4.68 2.97
CA ARG A 197 19.05 3.49 2.17
C ARG A 197 18.73 2.27 3.02
N THR A 198 18.19 1.26 2.36
CA THR A 198 17.99 -0.07 2.95
C THR A 198 18.31 -1.13 1.90
N TRP A 199 18.41 -2.38 2.32
CA TRP A 199 19.01 -3.42 1.48
C TRP A 199 18.21 -4.70 1.31
N TPO A 200 17.06 -4.85 1.97
CA TPO A 200 16.35 -6.14 1.93
CB TPO A 200 15.22 -6.18 2.96
CG2 TPO A 200 14.62 -7.61 3.00
OG1 TPO A 200 15.77 -5.91 4.24
P TPO A 200 15.19 -4.58 4.96
O1P TPO A 200 16.14 -4.40 6.17
O2P TPO A 200 13.76 -4.84 5.37
O3P TPO A 200 15.30 -3.46 3.93
C TPO A 200 15.78 -6.38 0.54
O TPO A 200 15.11 -5.50 -0.02
H TPO A 200 16.67 -4.25 2.44
HA TPO A 200 16.98 -6.86 2.13
HB TPO A 200 14.46 -5.45 2.71
HG21 TPO A 200 13.81 -7.63 3.74
HG22 TPO A 200 15.38 -8.33 3.28
HG23 TPO A 200 14.21 -7.86 2.03
N LEU A 201 15.94 -7.56 -0.03
CA LEU A 201 15.30 -7.88 -1.28
C LEU A 201 13.89 -8.33 -0.98
N CYS A 202 12.89 -7.48 -1.12
CA CYS A 202 11.51 -7.82 -0.81
C CYS A 202 10.57 -6.98 -1.65
N GLY A 203 9.34 -7.45 -1.75
CA GLY A 203 8.29 -6.83 -2.52
C GLY A 203 7.59 -7.85 -3.38
N THR A 204 6.81 -7.39 -4.36
CA THR A 204 6.12 -8.27 -5.28
C THR A 204 6.75 -8.12 -6.65
N PRO A 205 7.10 -9.23 -7.34
CA PRO A 205 7.92 -9.14 -8.57
C PRO A 205 7.52 -8.06 -9.58
N GLU A 206 6.25 -8.02 -9.99
CA GLU A 206 5.83 -7.08 -11.02
C GLU A 206 6.03 -5.61 -10.62
N TYR A 207 6.11 -5.33 -9.33
CA TYR A 207 6.18 -3.97 -8.78
C TYR A 207 7.57 -3.56 -8.33
N LEU A 208 8.57 -4.45 -8.41
CA LEU A 208 9.90 -4.15 -7.93
C LEU A 208 10.64 -3.17 -8.84
N ALA A 209 11.26 -2.16 -8.22
CA ALA A 209 12.13 -1.27 -8.95
C ALA A 209 13.41 -1.99 -9.35
N PRO A 210 14.06 -1.52 -10.42
CA PRO A 210 15.27 -2.22 -10.89
C PRO A 210 16.35 -2.30 -9.82
N GLU A 211 16.50 -1.26 -9.01
CA GLU A 211 17.56 -1.25 -8.02
C GLU A 211 17.36 -2.34 -6.96
N ILE A 212 16.10 -2.72 -6.67
CA ILE A 212 15.88 -3.83 -5.74
C ILE A 212 16.39 -5.11 -6.37
N ILE A 213 15.95 -5.38 -7.60
CA ILE A 213 16.33 -6.60 -8.32
C ILE A 213 17.83 -6.72 -8.44
N LEU A 214 18.50 -5.58 -8.63
CA LEU A 214 19.97 -5.54 -8.84
C LEU A 214 20.77 -5.57 -7.54
N SER A 215 20.10 -5.78 -6.39
CA SER A 215 20.81 -5.93 -5.12
C SER A 215 21.60 -4.67 -4.80
N LYS A 216 21.04 -3.53 -5.15
CA LYS A 216 21.59 -2.24 -4.79
C LYS A 216 20.85 -1.71 -3.58
N GLY A 217 21.56 -1.04 -2.66
CA GLY A 217 20.88 -0.30 -1.62
C GLY A 217 19.97 0.75 -2.24
N TYR A 218 18.78 0.88 -1.67
CA TYR A 218 17.74 1.68 -2.31
C TYR A 218 16.99 2.49 -1.28
N ASN A 219 16.20 3.44 -1.78
CA ASN A 219 15.51 4.40 -0.94
C ASN A 219 14.03 4.50 -1.32
N LYS A 220 13.36 5.55 -0.84
CA LYS A 220 11.93 5.71 -1.04
C LYS A 220 11.53 5.83 -2.50
N ALA A 221 12.48 6.07 -3.40
CA ALA A 221 12.16 6.10 -4.82
C ALA A 221 11.59 4.79 -5.35
N VAL A 222 11.80 3.66 -4.65
CA VAL A 222 11.18 2.43 -5.11
C VAL A 222 9.66 2.52 -5.06
N ASP A 223 9.13 3.34 -4.13
CA ASP A 223 7.68 3.47 -4.03
C ASP A 223 7.14 4.30 -5.22
N TRP A 224 7.93 5.24 -5.72
CA TRP A 224 7.50 6.05 -6.87
C TRP A 224 7.53 5.22 -8.16
N TRP A 225 8.55 4.35 -8.27
CA TRP A 225 8.54 3.37 -9.36
C TRP A 225 7.27 2.53 -9.29
N ALA A 226 6.97 2.00 -8.11
CA ALA A 226 5.78 1.18 -7.95
C ALA A 226 4.50 1.91 -8.30
N LEU A 227 4.43 3.20 -7.98
CA LEU A 227 3.27 3.97 -8.38
C LEU A 227 3.12 4.00 -9.90
N GLY A 228 4.25 4.09 -10.62
CA GLY A 228 4.18 3.98 -12.09
C GLY A 228 3.61 2.65 -12.55
N VAL A 229 4.03 1.55 -11.90
CA VAL A 229 3.48 0.24 -12.25
C VAL A 229 1.99 0.20 -11.98
N LEU A 230 1.57 0.76 -10.83
CA LEU A 230 0.17 0.73 -10.43
C LEU A 230 -0.69 1.55 -11.41
N ILE A 231 -0.27 2.76 -11.75
CA ILE A 231 -1.05 3.58 -12.67
C ILE A 231 -1.17 2.89 -14.02
N TYR A 232 -0.03 2.33 -14.50
CA TYR A 232 -0.07 1.58 -15.77
C TYR A 232 -1.09 0.46 -15.68
N GLU A 233 -1.01 -0.35 -14.59
CA GLU A 233 -1.91 -1.49 -14.50
C GLU A 233 -3.37 -1.06 -14.39
N MET A 234 -3.64 0.02 -13.64
CA MET A 234 -5.03 0.47 -13.55
C MET A 234 -5.55 0.90 -14.92
N ALA A 235 -4.71 1.61 -15.68
CA ALA A 235 -5.17 2.17 -16.95
C ALA A 235 -5.13 1.20 -18.12
N ALA A 236 -4.28 0.17 -18.05
CA ALA A 236 -4.16 -0.82 -19.10
C ALA A 236 -4.91 -2.09 -18.80
N GLY A 237 -5.02 -2.47 -17.52
CA GLY A 237 -5.57 -3.74 -17.08
C GLY A 237 -4.53 -4.81 -16.85
N TYR A 238 -3.27 -4.53 -17.11
CA TYR A 238 -2.16 -5.46 -16.88
C TYR A 238 -0.93 -4.59 -16.62
N PRO A 239 0.07 -5.10 -15.89
CA PRO A 239 1.19 -4.28 -15.55
C PRO A 239 2.21 -4.21 -16.68
N PRO A 240 3.19 -3.30 -16.59
CA PRO A 240 4.08 -3.06 -17.74
C PRO A 240 5.13 -4.14 -17.96
N PHE A 241 5.48 -4.89 -16.93
CA PHE A 241 6.51 -5.92 -16.98
C PHE A 241 5.79 -7.23 -16.60
N PHE A 242 5.44 -8.03 -17.61
CA PHE A 242 4.34 -9.01 -17.50
C PHE A 242 4.89 -10.29 -18.12
N ALA A 243 5.09 -11.31 -17.29
CA ALA A 243 5.61 -12.60 -17.73
C ALA A 243 5.17 -13.66 -16.72
N ASP A 244 5.28 -14.91 -17.11
CA ASP A 244 4.71 -15.98 -16.29
C ASP A 244 5.57 -16.29 -15.07
N GLN A 245 6.90 -16.09 -15.16
CA GLN A 245 7.78 -16.45 -14.05
C GLN A 245 8.53 -15.25 -13.53
N PRO A 246 8.78 -15.16 -12.20
CA PRO A 246 9.54 -14.02 -11.69
C PRO A 246 10.84 -13.70 -12.42
N ILE A 247 11.66 -14.69 -12.77
CA ILE A 247 12.94 -14.33 -13.39
C ILE A 247 12.74 -13.58 -14.71
N GLN A 248 11.70 -13.92 -15.46
CA GLN A 248 11.44 -13.23 -16.72
C GLN A 248 10.92 -11.81 -16.47
N ILE A 249 10.14 -11.65 -15.41
CA ILE A 249 9.67 -10.32 -15.01
C ILE A 249 10.87 -9.44 -14.68
N TYR A 250 11.82 -9.98 -13.91
CA TYR A 250 12.98 -9.19 -13.50
C TYR A 250 13.81 -8.73 -14.69
N GLU A 251 13.99 -9.60 -15.68
CA GLU A 251 14.74 -9.23 -16.88
C GLU A 251 14.06 -8.08 -17.62
N LYS A 252 12.71 -8.10 -17.70
CA LYS A 252 11.99 -7.00 -18.34
C LYS A 252 12.16 -5.68 -17.57
N ILE A 253 12.07 -5.74 -16.25
CA ILE A 253 12.17 -4.53 -15.43
C ILE A 253 13.52 -3.85 -15.64
N VAL A 254 14.60 -4.64 -15.61
CA VAL A 254 15.94 -4.05 -15.66
C VAL A 254 16.28 -3.53 -17.05
N SER A 255 15.68 -4.12 -18.10
CA SER A 255 15.91 -3.64 -19.46
C SER A 255 15.61 -2.15 -19.62
N GLY A 256 14.67 -1.61 -18.86
CA GLY A 256 14.29 -0.22 -19.06
C GLY A 256 13.56 -0.01 -20.37
N LYS A 257 12.73 -0.98 -20.79
CA LYS A 257 11.89 -0.81 -21.98
C LYS A 257 10.44 -0.94 -21.53
N VAL A 258 9.62 0.06 -21.81
CA VAL A 258 8.18 -0.04 -21.60
C VAL A 258 7.46 0.32 -22.89
N ARG A 259 6.40 -0.42 -23.19
CA ARG A 259 5.51 -0.15 -24.29
C ARG A 259 4.14 0.15 -23.68
N PHE A 260 3.38 1.02 -24.34
CA PHE A 260 2.12 1.51 -23.83
C PHE A 260 0.97 1.17 -24.77
N PRO A 261 -0.22 0.88 -24.23
CA PRO A 261 -1.39 0.72 -25.09
C PRO A 261 -1.63 1.97 -25.91
N SER A 262 -2.19 1.78 -27.11
CA SER A 262 -2.46 2.90 -27.99
C SER A 262 -3.52 3.83 -27.43
N HIS A 263 -4.31 3.41 -26.45
CA HIS A 263 -5.32 4.28 -25.87
C HIS A 263 -4.79 5.15 -24.75
N PHE A 264 -3.54 4.96 -24.30
CA PHE A 264 -2.99 5.84 -23.28
C PHE A 264 -2.78 7.23 -23.87
N SER A 265 -3.23 8.23 -23.14
CA SER A 265 -2.98 9.60 -23.53
C SER A 265 -1.49 9.89 -23.47
N SER A 266 -1.06 10.91 -24.25
CA SER A 266 0.34 11.32 -24.19
C SER A 266 0.73 11.86 -22.84
N ASP A 267 -0.17 12.55 -22.13
CA ASP A 267 0.16 13.01 -20.78
C ASP A 267 0.42 11.83 -19.86
N LEU A 268 -0.39 10.78 -19.97
CA LEU A 268 -0.16 9.60 -19.13
C LEU A 268 1.17 8.92 -19.47
N LYS A 269 1.48 8.76 -20.76
CA LYS A 269 2.76 8.16 -21.13
C LYS A 269 3.92 8.97 -20.59
N ASP A 270 3.86 10.30 -20.68
CA ASP A 270 4.95 11.11 -20.17
C ASP A 270 5.13 10.92 -18.66
N LEU A 271 4.04 10.93 -17.90
CA LEU A 271 4.16 10.68 -16.46
C LEU A 271 4.79 9.31 -16.21
N LEU A 272 4.31 8.29 -16.91
CA LEU A 272 4.82 6.93 -16.68
C LEU A 272 6.27 6.78 -17.08
N ARG A 273 6.71 7.44 -18.16
N ARG A 273 6.71 7.43 -18.16
CA ARG A 273 8.12 7.33 -18.52
CA ARG A 273 8.13 7.37 -18.53
C ARG A 273 9.03 8.01 -17.49
C ARG A 273 8.99 7.94 -17.40
N ASN A 274 8.50 8.96 -16.72
CA ASN A 274 9.26 9.61 -15.68
C ASN A 274 9.20 8.87 -14.33
N LEU A 275 8.16 8.06 -14.09
CA LEU A 275 8.12 7.23 -12.90
C LEU A 275 8.88 5.92 -13.12
N LEU A 276 8.65 5.27 -14.25
CA LEU A 276 9.29 4.01 -14.64
C LEU A 276 10.67 4.29 -15.26
N GLN A 277 11.43 5.10 -14.56
CA GLN A 277 12.74 5.57 -14.99
C GLN A 277 13.80 4.82 -14.21
N VAL A 278 14.62 4.06 -14.95
N VAL A 278 14.62 4.06 -14.95
CA VAL A 278 15.67 3.27 -14.29
CA VAL A 278 15.64 3.26 -14.27
C VAL A 278 16.69 4.17 -13.62
C VAL A 278 16.75 4.12 -13.68
N ASP A 279 17.00 5.30 -14.27
CA ASP A 279 18.05 6.19 -13.80
C ASP A 279 17.51 7.01 -12.63
N LEU A 280 18.07 6.78 -11.46
CA LEU A 280 17.59 7.42 -10.24
C LEU A 280 17.80 8.92 -10.24
N THR A 281 18.73 9.42 -11.03
CA THR A 281 18.94 10.86 -11.13
C THR A 281 17.88 11.54 -11.99
N LYS A 282 16.98 10.74 -12.57
CA LYS A 282 15.92 11.24 -13.44
C LYS A 282 14.53 10.84 -13.01
N ARG A 283 14.37 10.00 -11.99
CA ARG A 283 13.04 9.50 -11.66
C ARG A 283 12.24 10.51 -10.86
N PHE A 284 11.02 10.75 -11.32
CA PHE A 284 10.13 11.64 -10.60
C PHE A 284 9.84 11.11 -9.22
N GLY A 285 9.80 12.05 -8.28
CA GLY A 285 9.70 11.75 -6.87
C GLY A 285 11.07 11.69 -6.23
N ASN A 286 12.14 11.62 -7.04
CA ASN A 286 13.50 11.51 -6.53
C ASN A 286 14.36 12.70 -6.88
N LEU A 287 13.78 13.79 -7.35
CA LEU A 287 14.55 14.93 -7.81
C LEU A 287 14.46 16.07 -6.82
N LYS A 288 15.12 17.18 -7.18
CA LYS A 288 15.15 18.37 -6.33
C LYS A 288 13.77 18.77 -5.85
N ASN A 289 12.77 18.72 -6.73
N ASN A 289 12.76 18.72 -6.72
CA ASN A 289 11.41 19.19 -6.47
CA ASN A 289 11.41 19.17 -6.39
C ASN A 289 10.57 18.11 -5.77
C ASN A 289 10.53 18.06 -5.84
N GLY A 290 11.11 16.90 -5.59
CA GLY A 290 10.40 15.89 -4.81
C GLY A 290 9.04 15.52 -5.39
N VAL A 291 8.03 15.41 -4.51
CA VAL A 291 6.70 14.96 -4.91
C VAL A 291 6.05 15.98 -5.83
N ASN A 292 6.53 17.22 -5.82
CA ASN A 292 5.86 18.24 -6.62
C ASN A 292 6.05 18.02 -8.12
N ASP A 293 7.07 17.29 -8.53
CA ASP A 293 7.16 16.97 -9.95
C ASP A 293 6.01 16.07 -10.40
N ILE A 294 5.52 15.23 -9.48
CA ILE A 294 4.37 14.39 -9.77
C ILE A 294 3.09 15.20 -9.66
N LYS A 295 2.90 15.91 -8.54
CA LYS A 295 1.64 16.60 -8.29
C LYS A 295 1.37 17.67 -9.32
N ASN A 296 2.42 18.27 -9.89
CA ASN A 296 2.31 19.34 -10.85
C ASN A 296 2.35 18.86 -12.29
N HIS A 297 2.43 17.54 -12.51
CA HIS A 297 2.46 17.02 -13.86
C HIS A 297 1.13 17.28 -14.56
N LYS A 298 1.20 17.46 -15.88
CA LYS A 298 -0.02 17.68 -16.69
C LYS A 298 -1.10 16.64 -16.49
N TRP A 299 -0.74 15.36 -16.30
CA TRP A 299 -1.77 14.37 -16.14
C TRP A 299 -2.62 14.60 -14.91
N PHE A 300 -2.08 15.30 -13.91
CA PHE A 300 -2.81 15.61 -12.70
C PHE A 300 -3.35 17.03 -12.70
N ALA A 301 -3.37 17.71 -13.84
CA ALA A 301 -3.76 19.11 -13.85
C ALA A 301 -5.18 19.34 -13.32
N THR A 302 -6.08 18.39 -13.50
CA THR A 302 -7.46 18.50 -13.03
C THR A 302 -7.63 18.08 -11.58
N THR A 303 -6.57 17.62 -10.94
CA THR A 303 -6.66 17.09 -9.59
C THR A 303 -6.61 18.22 -8.55
N ASP A 304 -7.62 18.30 -7.72
CA ASP A 304 -7.65 19.22 -6.58
C ASP A 304 -7.11 18.39 -5.42
N TRP A 305 -5.81 18.58 -5.13
CA TRP A 305 -5.12 17.79 -4.14
C TRP A 305 -5.74 17.92 -2.76
N ILE A 306 -6.08 19.17 -2.37
CA ILE A 306 -6.66 19.35 -1.05
C ILE A 306 -8.03 18.70 -0.99
N ALA A 307 -8.84 18.87 -2.06
CA ALA A 307 -10.15 18.24 -2.09
C ALA A 307 -10.09 16.71 -2.00
N ILE A 308 -9.09 16.11 -2.64
CA ILE A 308 -8.93 14.67 -2.49
C ILE A 308 -8.66 14.30 -1.04
N TYR A 309 -7.73 15.02 -0.40
CA TYR A 309 -7.38 14.77 0.98
C TYR A 309 -8.59 14.90 1.86
N GLN A 310 -9.36 15.96 1.62
CA GLN A 310 -10.53 16.23 2.41
C GLN A 310 -11.70 15.33 2.02
N ARG A 311 -11.52 14.45 1.03
CA ARG A 311 -12.57 13.55 0.59
C ARG A 311 -13.81 14.26 0.03
N LYS A 312 -13.61 15.42 -0.61
CA LYS A 312 -14.68 16.25 -1.17
C LYS A 312 -15.02 15.85 -2.62
N VAL A 313 -14.19 15.02 -3.25
CA VAL A 313 -14.35 14.69 -4.65
C VAL A 313 -15.28 13.49 -4.78
N GLU A 314 -16.21 13.57 -5.72
CA GLU A 314 -17.10 12.45 -5.98
C GLU A 314 -16.32 11.27 -6.56
N ALA A 315 -16.45 10.08 -5.93
CA ALA A 315 -15.71 8.91 -6.37
C ALA A 315 -16.32 8.33 -7.65
N PRO A 316 -15.49 7.62 -8.42
CA PRO A 316 -15.99 7.10 -9.70
C PRO A 316 -16.87 5.89 -9.51
N PHE A 317 -16.76 5.23 -8.37
CA PHE A 317 -17.38 3.94 -8.15
C PHE A 317 -17.64 3.82 -6.65
N ILE A 318 -18.87 3.46 -6.27
CA ILE A 318 -19.22 3.19 -4.88
C ILE A 318 -19.58 1.71 -4.77
N PRO A 319 -18.87 0.92 -3.98
CA PRO A 319 -19.21 -0.50 -3.87
C PRO A 319 -20.60 -0.71 -3.28
N LYS A 320 -21.26 -1.78 -3.74
CA LYS A 320 -22.55 -2.15 -3.19
C LYS A 320 -22.35 -2.66 -1.77
N PHE A 321 -23.16 -2.18 -0.85
CA PHE A 321 -23.03 -2.49 0.56
C PHE A 321 -24.36 -3.08 0.99
N LYS A 322 -24.33 -4.31 1.48
CA LYS A 322 -25.53 -5.03 1.82
C LYS A 322 -25.83 -4.96 3.31
N GLY A 323 -24.84 -4.56 4.11
CA GLY A 323 -25.04 -4.35 5.51
C GLY A 323 -23.78 -4.61 6.29
N PRO A 324 -23.82 -4.38 7.59
CA PRO A 324 -22.63 -4.64 8.39
C PRO A 324 -22.26 -6.10 8.28
N GLY A 325 -20.96 -6.31 8.09
CA GLY A 325 -20.43 -7.66 8.00
C GLY A 325 -20.66 -8.36 6.69
N ASP A 326 -21.21 -7.68 5.71
CA ASP A 326 -21.33 -8.28 4.39
C ASP A 326 -19.95 -8.54 3.80
N THR A 327 -19.78 -9.71 3.17
CA THR A 327 -18.52 -10.08 2.52
C THR A 327 -18.68 -10.30 1.01
N SER A 328 -19.77 -9.83 0.42
CA SER A 328 -20.05 -10.08 -1.01
C SER A 328 -19.00 -9.52 -1.96
N ASN A 329 -18.20 -8.52 -1.55
CA ASN A 329 -17.20 -7.92 -2.42
C ASN A 329 -15.85 -8.59 -2.34
N PHE A 330 -15.73 -9.68 -1.56
CA PHE A 330 -14.50 -10.44 -1.44
C PHE A 330 -14.65 -11.84 -2.05
N ASP A 331 -13.53 -12.35 -2.57
CA ASP A 331 -13.48 -13.70 -3.09
C ASP A 331 -13.45 -14.71 -1.93
N ASP A 332 -13.70 -15.97 -2.28
CA ASP A 332 -13.70 -17.01 -1.27
C ASP A 332 -12.32 -17.67 -1.19
N TYR A 333 -12.03 -18.19 -0.01
CA TYR A 333 -10.78 -18.86 0.27
C TYR A 333 -11.08 -20.11 1.08
N GLU A 334 -10.17 -21.07 1.02
CA GLU A 334 -10.27 -22.25 1.87
C GLU A 334 -10.18 -21.83 3.35
N GLU A 335 -11.07 -22.40 4.17
CA GLU A 335 -11.11 -22.07 5.59
C GLU A 335 -10.29 -23.09 6.35
N GLU A 336 -9.37 -22.63 7.20
CA GLU A 336 -8.52 -23.52 7.99
C GLU A 336 -8.69 -23.21 9.48
N GLU A 337 -8.42 -24.22 10.31
CA GLU A 337 -8.60 -24.11 11.74
C GLU A 337 -7.67 -23.05 12.32
N ILE A 338 -8.15 -22.36 13.35
CA ILE A 338 -7.29 -21.48 14.12
C ILE A 338 -6.81 -22.27 15.33
N ARG A 339 -5.74 -23.04 15.17
CA ARG A 339 -5.25 -23.95 16.22
C ARG A 339 -4.25 -23.22 17.10
N VAL A 340 -4.53 -23.17 18.40
CA VAL A 340 -3.63 -22.57 19.39
C VAL A 340 -2.99 -23.67 20.26
N SEP A 341 -1.68 -23.76 20.20
CA SEP A 341 -0.93 -24.83 20.84
CB SEP A 341 0.51 -24.89 20.31
OG SEP A 341 1.31 -25.74 21.11
C SEP A 341 -0.92 -24.64 22.33
O SEP A 341 -1.12 -23.55 22.84
P SEP A 341 1.21 -27.26 20.64
O1P SEP A 341 2.64 -27.86 21.07
O2P SEP A 341 1.05 -27.40 19.05
O3P SEP A 341 -0.02 -27.95 21.42
H SEP A 341 -1.17 -23.20 19.78
HA SEP A 341 -1.36 -25.70 20.64
HB2 SEP A 341 0.88 -23.98 20.34
HB3 SEP A 341 0.50 -25.21 19.40
N ILE A 342 -0.70 -25.75 23.04
CA ILE A 342 -0.62 -25.73 24.49
C ILE A 342 0.69 -25.11 24.96
N ASN A 343 1.68 -25.09 24.07
CA ASN A 343 3.02 -24.63 24.40
C ASN A 343 3.36 -23.36 23.61
N GLU A 344 3.92 -22.39 24.32
CA GLU A 344 4.33 -21.15 23.68
C GLU A 344 5.38 -21.45 22.62
N LYS A 345 5.21 -20.86 21.44
CA LYS A 345 6.19 -20.97 20.38
C LYS A 345 6.83 -19.62 20.14
N CYS A 346 8.14 -19.62 19.98
CA CYS A 346 8.89 -18.43 19.58
C CYS A 346 8.63 -17.26 20.53
N GLY A 347 8.55 -17.54 21.82
CA GLY A 347 8.29 -16.49 22.79
C GLY A 347 9.36 -15.40 22.78
N LYS A 348 10.63 -15.80 22.76
CA LYS A 348 11.71 -14.81 22.86
C LYS A 348 11.80 -13.95 21.59
N GLU A 349 11.58 -14.56 20.42
CA GLU A 349 11.72 -13.84 19.16
C GLU A 349 10.64 -12.78 18.94
N PHE A 350 9.55 -12.75 19.75
CA PHE A 350 8.45 -11.81 19.56
C PHE A 350 8.10 -11.05 20.84
N THR A 351 9.08 -10.85 21.73
CA THR A 351 8.82 -10.18 23.00
C THR A 351 8.26 -8.78 22.81
N GLU A 352 8.75 -8.05 21.80
CA GLU A 352 8.39 -6.64 21.60
C GLU A 352 7.04 -6.46 20.92
N PHE A 353 6.42 -7.55 20.45
CA PHE A 353 5.15 -7.45 19.73
C PHE A 353 3.98 -7.28 20.69
N ALA B 3 1.90 -12.97 -22.39
CA ALA B 3 1.33 -13.79 -21.32
C ALA B 3 1.99 -13.44 -20.00
N GLY B 4 1.21 -13.46 -18.93
CA GLY B 4 1.70 -13.04 -17.63
C GLY B 4 0.69 -13.42 -16.58
N ARG B 5 1.00 -13.06 -15.33
CA ARG B 5 0.24 -13.56 -14.18
C ARG B 5 -1.01 -12.72 -13.98
N THR B 6 -2.18 -13.37 -14.04
CA THR B 6 -3.45 -12.63 -13.90
C THR B 6 -4.12 -12.78 -12.55
N GLY B 7 -3.73 -13.76 -11.74
CA GLY B 7 -4.27 -13.87 -10.40
C GLY B 7 -3.52 -13.05 -9.36
N ARG B 8 -3.92 -13.24 -8.11
CA ARG B 8 -3.28 -12.49 -7.05
C ARG B 8 -1.81 -12.88 -6.95
N ARG B 9 -0.98 -11.89 -6.68
CA ARG B 9 0.49 -12.02 -6.67
C ARG B 9 1.05 -11.98 -5.27
N GLN B 10 1.82 -12.99 -4.92
CA GLN B 10 2.41 -13.06 -3.58
C GLN B 10 3.69 -12.23 -3.49
N ALA B 11 3.88 -11.58 -2.38
CA ALA B 11 5.13 -10.88 -2.16
C ALA B 11 6.25 -11.90 -1.92
N ILE B 12 7.48 -11.47 -2.13
CA ILE B 12 8.69 -12.26 -1.88
C ILE B 12 9.46 -11.60 -0.74
N HIS B 13 9.97 -12.40 0.18
CA HIS B 13 10.54 -11.85 1.42
C HIS B 13 12.04 -11.62 1.35
N ASP B 14 12.78 -12.45 0.57
CA ASP B 14 14.24 -12.39 0.46
C ASP B 14 14.76 -12.93 -0.90
N ILE B 15 13.96 -12.80 -1.94
CA ILE B 15 14.31 -13.32 -3.26
C ILE B 15 14.41 -12.19 -4.26
C4 8LZ C . -6.51 -7.07 3.90
C5 8LZ C . -7.21 -7.93 3.05
C6 8LZ C . -8.59 -8.03 3.17
C7 8LZ C . -9.29 -7.25 4.10
C8 8LZ C . -6.48 -8.78 2.03
C9 8LZ C . -4.49 -8.18 0.72
C10 8LZ C . -4.25 -9.51 1.41
C11 8LZ C . -5.27 -9.57 2.53
N 8LZ C . -5.95 -7.91 0.90
C3 8LZ C . -7.19 -6.30 4.83
O 8LZ C . -6.45 -5.47 5.65
C2 8LZ C . -8.59 -6.36 4.92
O1 8LZ C . -9.33 -5.53 5.73
C1 8LZ C . -8.60 -4.44 6.36
C 8LZ C . -7.21 -4.89 6.74
H1 8LZ C . -5.43 -6.97 3.83
H2 8LZ C . -9.17 -8.71 2.55
H3 8LZ C . -10.37 -7.33 4.18
H4 8LZ C . -7.20 -9.49 1.60
H5 8LZ C . -4.23 -8.21 -0.34
H6 8LZ C . -3.88 -7.36 1.13
H8 8LZ C . -4.36 -10.35 0.72
H7 8LZ C . -3.23 -9.61 1.78
H9 8LZ C . -4.88 -9.14 3.45
H10 8LZ C . -5.52 -10.59 2.81
H11 8LZ C . -6.10 -6.93 1.14
H12 8LZ C . -6.47 -8.07 0.04
H13 8LZ C . -8.62 -3.66 5.60
H14 8LZ C . -9.17 -4.09 7.22
H16 8LZ C . -6.63 -4.06 7.15
H15 8LZ C . -7.22 -5.67 7.48
C1 MPD D . -3.25 17.18 1.05
C2 MPD D . -2.37 17.51 2.26
O2 MPD D . -1.49 18.54 1.76
CM MPD D . -3.18 18.08 3.41
C3 MPD D . -1.55 16.32 2.76
C4 MPD D . -0.47 15.83 1.77
O4 MPD D . 0.55 16.77 1.58
C5 MPD D . 0.24 14.53 2.13
H11 MPD D . -3.12 16.13 0.79
H12 MPD D . -4.29 17.36 1.30
H13 MPD D . -2.96 17.80 0.20
HO2 MPD D . -0.55 18.24 1.85
HM1 MPD D . -2.99 17.50 4.31
HM2 MPD D . -4.24 18.04 3.16
HM3 MPD D . -2.90 19.13 3.59
H31 MPD D . -2.24 15.50 2.96
H32 MPD D . -1.08 16.59 3.70
H4 MPD D . -0.96 15.67 0.81
HO4 MPD D . 0.82 16.76 0.63
H51 MPD D . 1.32 14.68 2.14
H52 MPD D . -0.08 14.20 3.11
H53 MPD D . -0.01 13.76 1.39
C1 MPD E . 21.55 8.76 -7.84
C2 MPD E . 21.71 7.96 -6.54
O2 MPD E . 21.08 6.65 -6.70
CM MPD E . 23.20 7.73 -6.22
C3 MPD E . 21.08 8.68 -5.34
C4 MPD E . 19.58 9.04 -5.51
O4 MPD E . 18.78 7.89 -5.54
C5 MPD E . 19.08 9.92 -4.35
H11 MPD E . 21.02 9.68 -7.64
H12 MPD E . 22.54 8.99 -8.24
H13 MPD E . 21.00 8.16 -8.57
HO2 MPD E . 20.40 6.53 -5.99
HM1 MPD E . 23.43 8.13 -5.23
HM2 MPD E . 23.81 8.24 -6.97
HM3 MPD E . 23.41 6.67 -6.24
H31 MPD E . 21.64 9.59 -5.14
H32 MPD E . 21.19 8.03 -4.46
H4 MPD E . 19.47 9.60 -6.43
HO4 MPD E . 18.83 7.42 -4.69
H51 MPD E . 18.24 9.43 -3.87
H52 MPD E . 18.76 10.89 -4.73
H53 MPD E . 19.88 10.06 -3.63
S DMS F . 1.38 -3.58 -25.29
O DMS F . 1.40 -2.63 -24.14
C1 DMS F . 0.89 -5.23 -24.71
C2 DMS F . 0.01 -3.21 -26.44
H11 DMS F . -0.03 -5.17 -24.20
H12 DMS F . 0.79 -5.89 -25.53
H13 DMS F . 1.63 -5.61 -24.05
H21 DMS F . 0.18 -2.25 -26.87
H22 DMS F . -0.02 -3.94 -27.19
H23 DMS F . -0.90 -3.20 -25.90
S DMS G . 18.82 -10.78 -13.69
O DMS G . 17.68 -9.85 -13.97
C1 DMS G . 19.19 -10.81 -11.91
C2 DMS G . 18.29 -12.50 -13.96
H11 DMS G . 19.94 -11.54 -11.73
H12 DMS G . 18.32 -11.06 -11.38
H13 DMS G . 19.54 -9.86 -11.60
H21 DMS G . 18.05 -12.64 -14.98
H22 DMS G . 17.43 -12.69 -13.37
H23 DMS G . 19.07 -13.16 -13.69
#